data_6J7W
#
_entry.id   6J7W
#
_cell.length_a   65.392
_cell.length_b   73.806
_cell.length_c   133.491
_cell.angle_alpha   90.000
_cell.angle_beta   90.000
_cell.angle_gamma   90.000
#
_symmetry.space_group_name_H-M   'C 2 2 21'
#
loop_
_entity.id
_entity.type
_entity.pdbx_description
1 polymer UniAb
2 polymer 'Tumor necrosis factor receptor superfamily member 17'
3 water water
#
loop_
_entity_poly.entity_id
_entity_poly.type
_entity_poly.pdbx_seq_one_letter_code
_entity_poly.pdbx_strand_id
1 'polypeptide(L)'
;EVQLVESGGGLVQPGGSLRLSCAASGFTVSSYGMSWVRQAPGKGPEWVSGIRGSDGSTYYADSVKGRFTISRDNSKNTLY
LQMNSLRAEDTAVYYCAKQGENDGPFDHRGQGTLVTVS
;
A,B
2 'polypeptide(L)' GQCSQNEYFDSLLHACIPCQLRCSSNTPPLTCQRYCNAS C,D
#
# COMPACT_ATOMS: atom_id res chain seq x y z
N GLU A 1 -0.27 13.06 26.08
CA GLU A 1 0.10 13.47 24.69
C GLU A 1 -0.53 12.46 23.71
N VAL A 2 0.23 11.41 23.37
CA VAL A 2 -0.21 10.38 22.44
C VAL A 2 -0.75 9.21 23.26
N GLN A 3 -1.92 8.72 22.88
CA GLN A 3 -2.48 7.55 23.51
C GLN A 3 -3.10 6.68 22.43
N LEU A 4 -3.28 5.41 22.79
CA LEU A 4 -3.84 4.41 21.95
C LEU A 4 -4.83 3.66 22.83
N VAL A 5 -6.12 3.94 22.66
CA VAL A 5 -7.09 3.37 23.54
C VAL A 5 -7.75 2.22 22.76
N GLU A 6 -7.58 1.00 23.31
CA GLU A 6 -7.99 -0.25 22.66
C GLU A 6 -9.37 -0.68 23.19
N SER A 7 -10.09 -1.41 22.35
CA SER A 7 -11.33 -2.09 22.71
C SER A 7 -11.56 -3.21 21.69
N GLY A 8 -12.49 -4.13 22.00
CA GLY A 8 -13.02 -5.06 21.00
C GLY A 8 -12.68 -6.52 21.28
N GLY A 9 -11.88 -6.78 22.32
CA GLY A 9 -11.61 -8.14 22.76
C GLY A 9 -12.83 -8.77 23.42
N GLY A 10 -12.68 -10.05 23.81
CA GLY A 10 -13.73 -10.80 24.47
C GLY A 10 -13.70 -12.26 24.04
N LEU A 11 -14.76 -13.00 24.38
CA LEU A 11 -14.85 -14.43 24.14
C LEU A 11 -15.55 -14.69 22.81
N VAL A 12 -15.05 -15.71 22.12
CA VAL A 12 -15.52 -16.11 20.80
C VAL A 12 -15.23 -17.60 20.69
N GLN A 13 -16.09 -18.34 19.97
CA GLN A 13 -15.91 -19.78 19.86
C GLN A 13 -14.99 -20.07 18.67
N PRO A 14 -14.22 -21.17 18.71
CA PRO A 14 -13.38 -21.55 17.58
C PRO A 14 -14.20 -21.43 16.29
N GLY A 15 -13.56 -20.92 15.23
CA GLY A 15 -14.24 -20.64 13.96
C GLY A 15 -14.76 -19.21 13.88
N GLY A 16 -15.02 -18.57 15.03
CA GLY A 16 -15.62 -17.22 15.05
C GLY A 16 -14.75 -16.14 14.40
N SER A 17 -15.31 -14.93 14.34
CA SER A 17 -14.55 -13.75 13.94
C SER A 17 -14.77 -12.63 14.97
N LEU A 18 -13.78 -11.73 15.06
CA LEU A 18 -13.79 -10.61 15.98
C LEU A 18 -13.09 -9.40 15.34
N ARG A 19 -13.43 -8.20 15.78
CA ARG A 19 -12.87 -6.95 15.23
C ARG A 19 -12.31 -6.11 16.38
N LEU A 20 -10.99 -5.88 16.37
CA LEU A 20 -10.33 -5.11 17.42
C LEU A 20 -10.20 -3.65 16.99
N SER A 21 -10.23 -2.75 17.98
CA SER A 21 -10.10 -1.32 17.75
C SER A 21 -8.89 -0.75 18.48
N CYS A 22 -8.27 0.23 17.85
CA CYS A 22 -7.21 1.00 18.45
C CYS A 22 -7.31 2.46 18.02
N ALA A 23 -7.99 3.26 18.85
CA ALA A 23 -8.25 4.66 18.61
C ALA A 23 -7.04 5.51 19.00
N ALA A 24 -6.47 6.23 18.03
CA ALA A 24 -5.40 7.18 18.28
C ALA A 24 -5.99 8.47 18.87
N SER A 25 -5.24 9.01 19.82
CA SER A 25 -5.44 10.29 20.44
C SER A 25 -4.09 11.01 20.41
N GLY A 26 -4.08 12.26 19.96
CA GLY A 26 -2.87 13.08 20.00
C GLY A 26 -2.04 12.95 18.73
N PHE A 27 -2.55 12.20 17.75
CA PHE A 27 -1.89 12.02 16.47
C PHE A 27 -2.92 11.43 15.49
N THR A 28 -2.48 11.28 14.23
CA THR A 28 -3.33 10.84 13.13
C THR A 28 -2.82 9.45 12.69
N VAL A 29 -3.71 8.45 12.63
CA VAL A 29 -3.26 7.05 12.37
C VAL A 29 -2.65 6.97 10.96
N SER A 30 -3.11 7.84 10.05
CA SER A 30 -2.76 7.78 8.64
C SER A 30 -1.31 8.24 8.43
N SER A 31 -0.77 8.99 9.40
CA SER A 31 0.51 9.68 9.28
C SER A 31 1.68 8.82 9.76
N TYR A 32 1.43 7.64 10.34
CA TYR A 32 2.53 6.81 10.90
C TYR A 32 2.30 5.32 10.62
N GLY A 33 3.37 4.56 10.75
CA GLY A 33 3.32 3.12 10.73
C GLY A 33 2.76 2.60 12.03
N MET A 34 1.79 1.68 11.92
CA MET A 34 1.21 1.04 13.08
C MET A 34 1.17 -0.47 12.84
N SER A 35 1.33 -1.24 13.92
CA SER A 35 1.22 -2.66 13.86
C SER A 35 0.52 -3.19 15.12
N TRP A 36 0.15 -4.48 15.06
CA TRP A 36 -0.41 -5.23 16.16
C TRP A 36 0.56 -6.34 16.59
N VAL A 37 0.73 -6.47 17.90
CA VAL A 37 1.54 -7.48 18.54
C VAL A 37 0.64 -8.15 19.59
N ARG A 38 0.92 -9.41 19.93
CA ARG A 38 0.09 -10.14 20.90
C ARG A 38 0.95 -11.01 21.81
N GLN A 39 0.46 -11.26 23.03
CA GLN A 39 1.15 -12.13 23.95
C GLN A 39 0.17 -13.11 24.61
N ALA A 40 0.32 -14.39 24.24
CA ALA A 40 -0.34 -15.51 24.93
C ALA A 40 0.33 -15.70 26.28
N PRO A 41 -0.39 -16.09 27.35
CA PRO A 41 0.24 -16.35 28.64
C PRO A 41 1.26 -17.50 28.50
N GLY A 42 2.46 -17.29 29.05
CA GLY A 42 3.55 -18.24 29.02
C GLY A 42 4.50 -18.01 27.85
N LYS A 43 4.11 -17.15 26.89
CA LYS A 43 4.90 -16.91 25.69
C LYS A 43 5.35 -15.45 25.64
N GLY A 44 6.39 -15.20 24.86
CA GLY A 44 6.84 -13.86 24.61
C GLY A 44 5.96 -13.23 23.56
N PRO A 45 5.89 -11.89 23.50
CA PRO A 45 5.06 -11.20 22.51
C PRO A 45 5.49 -11.54 21.09
N GLU A 46 4.52 -11.46 20.19
CA GLU A 46 4.59 -11.96 18.85
C GLU A 46 4.04 -10.85 17.97
N TRP A 47 4.83 -10.40 17.00
CA TRP A 47 4.34 -9.52 15.98
C TRP A 47 3.45 -10.33 15.02
N VAL A 48 2.42 -9.66 14.50
CA VAL A 48 1.25 -10.29 13.93
C VAL A 48 0.87 -9.59 12.63
N SER A 49 0.69 -8.26 12.66
CA SER A 49 0.35 -7.49 11.46
C SER A 49 0.94 -6.10 11.56
N GLY A 50 1.00 -5.39 10.43
CA GLY A 50 1.50 -4.04 10.45
C GLY A 50 1.30 -3.34 9.13
N ILE A 51 1.10 -2.02 9.22
CA ILE A 51 1.10 -1.09 8.12
C ILE A 51 2.40 -0.29 8.17
N ARG A 52 3.06 -0.14 7.03
CA ARG A 52 4.26 0.66 6.94
C ARG A 52 3.82 2.10 6.66
N GLY A 53 4.32 3.04 7.46
CA GLY A 53 3.96 4.43 7.38
C GLY A 53 4.26 5.05 6.03
N SER A 54 5.43 4.70 5.47
CA SER A 54 6.02 5.38 4.31
C SER A 54 5.25 5.09 3.01
N ASP A 55 4.53 3.98 2.91
CA ASP A 55 3.86 3.66 1.66
C ASP A 55 2.56 2.89 1.85
N GLY A 56 2.06 2.73 3.08
CA GLY A 56 0.79 2.05 3.35
C GLY A 56 0.78 0.56 2.99
N SER A 57 1.95 -0.04 2.69
CA SER A 57 2.09 -1.50 2.53
C SER A 57 1.64 -2.21 3.81
N THR A 58 0.99 -3.35 3.67
CA THR A 58 0.50 -4.13 4.79
C THR A 58 1.28 -5.46 4.85
N TYR A 59 1.51 -5.95 6.08
CA TYR A 59 2.27 -7.16 6.35
C TYR A 59 1.62 -7.95 7.49
N TYR A 60 1.89 -9.26 7.48
CA TYR A 60 1.18 -10.28 8.25
C TYR A 60 2.14 -11.42 8.58
N ALA A 61 2.16 -11.86 9.83
CA ALA A 61 2.84 -13.09 10.22
C ALA A 61 2.22 -14.29 9.48
N ASP A 62 2.98 -15.38 9.40
CA ASP A 62 2.55 -16.59 8.72
C ASP A 62 1.34 -17.18 9.46
N SER A 63 1.35 -17.15 10.79
CA SER A 63 0.31 -17.80 11.60
C SER A 63 -1.07 -17.16 11.38
N VAL A 64 -1.15 -16.13 10.52
CA VAL A 64 -2.25 -15.18 10.55
C VAL A 64 -2.62 -14.68 9.13
N LYS A 65 -1.71 -14.89 8.16
CA LYS A 65 -1.99 -14.72 6.71
C LYS A 65 -3.32 -15.40 6.34
N GLY A 66 -4.12 -14.73 5.52
CA GLY A 66 -5.37 -15.26 5.02
C GLY A 66 -6.54 -15.08 5.96
N ARG A 67 -6.29 -14.90 7.26
CA ARG A 67 -7.36 -14.81 8.28
C ARG A 67 -7.52 -13.37 8.80
N PHE A 68 -6.40 -12.65 9.00
CA PHE A 68 -6.40 -11.33 9.63
C PHE A 68 -6.27 -10.23 8.58
N THR A 69 -6.88 -9.08 8.86
CA THR A 69 -6.77 -7.90 8.05
C THR A 69 -6.60 -6.70 8.97
N ILE A 70 -5.47 -5.98 8.82
CA ILE A 70 -5.24 -4.69 9.46
C ILE A 70 -5.82 -3.62 8.52
N SER A 71 -6.29 -2.51 9.10
CA SER A 71 -6.70 -1.34 8.31
C SER A 71 -6.79 -0.10 9.21
N ARG A 72 -7.07 1.05 8.58
CA ARG A 72 -7.38 2.28 9.26
C ARG A 72 -8.69 2.90 8.74
N ASP A 73 -9.47 3.47 9.66
CA ASP A 73 -10.54 4.38 9.31
C ASP A 73 -10.09 5.82 9.64
N ASN A 74 -9.78 6.63 8.63
CA ASN A 74 -9.26 7.99 8.87
C ASN A 74 -10.30 8.83 9.62
N SER A 75 -11.58 8.65 9.31
CA SER A 75 -12.68 9.46 9.85
C SER A 75 -12.84 9.23 11.36
N LYS A 76 -12.57 8.00 11.81
CA LYS A 76 -12.67 7.63 13.23
C LYS A 76 -11.28 7.65 13.86
N ASN A 77 -10.27 7.92 13.04
CA ASN A 77 -8.88 7.98 13.49
C ASN A 77 -8.48 6.72 14.29
N THR A 78 -8.94 5.52 13.88
CA THR A 78 -8.59 4.27 14.58
C THR A 78 -7.97 3.27 13.61
N LEU A 79 -7.07 2.44 14.16
CA LEU A 79 -6.52 1.22 13.53
C LEU A 79 -7.38 0.03 13.97
N TYR A 80 -7.68 -0.89 13.04
CA TYR A 80 -8.47 -2.11 13.37
C TYR A 80 -7.70 -3.37 12.99
N LEU A 81 -7.99 -4.44 13.72
CA LEU A 81 -7.63 -5.79 13.34
C LEU A 81 -8.91 -6.61 13.23
N GLN A 82 -9.35 -6.81 11.98
CA GLN A 82 -10.32 -7.81 11.63
C GLN A 82 -9.63 -9.17 11.75
N MET A 83 -10.19 -10.04 12.60
CA MET A 83 -9.72 -11.40 12.81
C MET A 83 -10.85 -12.37 12.43
N ASN A 84 -10.58 -13.24 11.44
CA ASN A 84 -11.54 -14.26 11.00
C ASN A 84 -11.03 -15.66 11.33
N SER A 85 -11.96 -16.62 11.29
CA SER A 85 -11.64 -18.06 11.38
C SER A 85 -10.73 -18.32 12.58
N LEU A 86 -11.15 -17.86 13.76
CA LEU A 86 -10.26 -17.86 14.92
C LEU A 86 -10.03 -19.29 15.41
N ARG A 87 -8.93 -19.48 16.16
CA ARG A 87 -8.51 -20.79 16.67
C ARG A 87 -7.76 -20.60 17.99
N ALA A 88 -7.74 -21.66 18.80
CA ALA A 88 -7.33 -21.66 20.21
C ALA A 88 -6.01 -20.90 20.44
N GLU A 89 -5.07 -21.01 19.51
CA GLU A 89 -3.74 -20.41 19.72
C GLU A 89 -3.74 -18.91 19.34
N ASP A 90 -4.83 -18.40 18.75
CA ASP A 90 -4.99 -16.96 18.56
C ASP A 90 -5.34 -16.25 19.89
N THR A 91 -5.48 -17.00 21.00
CA THR A 91 -5.81 -16.43 22.33
C THR A 91 -4.59 -15.70 22.91
N ALA A 92 -4.71 -14.37 23.09
CA ALA A 92 -3.67 -13.54 23.71
C ALA A 92 -4.26 -12.20 24.15
N VAL A 93 -3.45 -11.42 24.87
CA VAL A 93 -3.62 -9.95 24.92
C VAL A 93 -3.07 -9.31 23.64
N TYR A 94 -3.93 -8.61 22.90
CA TYR A 94 -3.56 -7.88 21.68
C TYR A 94 -3.26 -6.41 22.02
N TYR A 95 -2.16 -5.91 21.42
CA TYR A 95 -1.57 -4.59 21.64
C TYR A 95 -1.34 -3.90 20.29
N CYS A 96 -1.89 -2.69 20.13
CA CYS A 96 -1.51 -1.86 18.98
C CYS A 96 -0.34 -0.97 19.40
N ALA A 97 0.44 -0.54 18.41
CA ALA A 97 1.61 0.28 18.67
C ALA A 97 1.84 1.21 17.49
N LYS A 98 2.63 2.25 17.73
CA LYS A 98 2.87 3.29 16.74
C LYS A 98 4.37 3.52 16.58
N GLN A 99 4.81 3.77 15.34
CA GLN A 99 6.21 4.04 15.05
C GLN A 99 6.43 5.55 14.99
N GLY A 100 7.67 5.97 15.23
CA GLY A 100 8.10 7.35 15.02
C GLY A 100 7.96 7.76 13.57
N GLU A 101 8.27 9.04 13.31
CA GLU A 101 8.28 9.62 11.95
C GLU A 101 9.25 8.82 11.07
N ASN A 102 8.96 8.79 9.76
CA ASN A 102 9.83 8.18 8.74
C ASN A 102 10.20 6.75 9.15
N ASP A 103 9.16 5.92 9.35
CA ASP A 103 9.31 4.50 9.63
C ASP A 103 10.27 4.32 10.82
N GLY A 104 10.11 5.16 11.85
CA GLY A 104 11.00 5.13 13.04
C GLY A 104 10.73 3.99 14.02
N PRO A 105 11.44 3.97 15.17
CA PRO A 105 11.19 2.99 16.23
C PRO A 105 9.78 3.15 16.83
N PHE A 106 9.22 2.05 17.33
CA PHE A 106 7.94 2.09 18.05
C PHE A 106 8.14 2.98 19.27
N ASP A 107 7.23 3.95 19.47
CA ASP A 107 7.38 4.96 20.51
C ASP A 107 6.20 4.94 21.50
N HIS A 108 5.11 4.23 21.18
CA HIS A 108 3.95 4.12 22.07
C HIS A 108 3.17 2.81 21.77
N ARG A 109 2.50 2.28 22.79
CA ARG A 109 1.60 1.12 22.62
C ARG A 109 0.31 1.33 23.44
N GLY A 110 -0.76 0.63 23.04
CA GLY A 110 -2.02 0.63 23.75
C GLY A 110 -1.95 -0.19 25.04
N GLN A 111 -3.05 -0.16 25.80
CA GLN A 111 -3.11 -0.74 27.14
C GLN A 111 -3.27 -2.28 27.05
N GLY A 112 -3.70 -2.79 25.89
CA GLY A 112 -4.00 -4.21 25.70
C GLY A 112 -5.49 -4.47 25.68
N THR A 113 -5.89 -5.56 25.02
CA THR A 113 -7.26 -6.10 25.08
C THR A 113 -7.24 -7.62 24.87
N LEU A 114 -7.97 -8.33 25.73
CA LEU A 114 -7.88 -9.79 25.80
C LEU A 114 -8.84 -10.42 24.78
N VAL A 115 -8.28 -11.35 23.99
CA VAL A 115 -9.02 -12.19 23.09
C VAL A 115 -8.90 -13.63 23.59
N THR A 116 -10.05 -14.26 23.90
CA THR A 116 -10.12 -15.65 24.33
C THR A 116 -10.89 -16.47 23.31
N VAL A 117 -10.27 -17.54 22.79
CA VAL A 117 -10.91 -18.47 21.86
C VAL A 117 -11.02 -19.84 22.54
N SER A 118 -12.26 -20.29 22.79
CA SER A 118 -12.56 -21.59 23.45
C SER A 118 -11.95 -22.75 22.67
N GLY B 1 16.85 -12.11 23.56
CA GLY B 1 16.03 -11.73 22.37
C GLY B 1 16.85 -11.74 21.09
N GLN B 2 17.30 -12.94 20.68
CA GLN B 2 17.88 -13.19 19.37
C GLN B 2 16.76 -13.69 18.45
N CYS B 3 16.64 -13.07 17.27
CA CYS B 3 15.56 -13.35 16.33
C CYS B 3 16.11 -13.61 14.93
N SER B 4 15.19 -13.99 14.03
CA SER B 4 15.56 -14.43 12.70
C SER B 4 16.23 -13.28 11.93
N GLN B 5 16.84 -13.65 10.80
CA GLN B 5 17.82 -12.83 10.08
C GLN B 5 17.17 -11.55 9.50
N ASN B 6 15.86 -11.59 9.26
CA ASN B 6 15.14 -10.51 8.60
C ASN B 6 14.24 -9.76 9.60
N GLU B 7 14.55 -9.86 10.89
CA GLU B 7 13.82 -9.15 11.90
C GLU B 7 14.80 -8.60 12.95
N TYR B 8 14.34 -7.60 13.70
CA TYR B 8 15.08 -7.01 14.81
C TYR B 8 14.19 -7.06 16.06
N PHE B 9 14.83 -6.90 17.22
CA PHE B 9 14.15 -6.95 18.49
C PHE B 9 13.82 -5.54 18.99
N ASP B 10 12.51 -5.29 19.13
CA ASP B 10 12.02 -4.05 19.63
C ASP B 10 11.91 -4.16 21.15
N SER B 11 12.38 -3.13 21.86
CA SER B 11 12.45 -3.21 23.28
C SER B 11 11.12 -2.75 23.90
N LEU B 12 10.40 -1.84 23.22
CA LEU B 12 9.14 -1.31 23.77
C LEU B 12 8.08 -2.42 23.77
N LEU B 13 8.12 -3.26 22.74
CA LEU B 13 7.13 -4.30 22.56
C LEU B 13 7.71 -5.69 22.93
N HIS B 14 8.99 -5.75 23.29
CA HIS B 14 9.65 -7.01 23.67
C HIS B 14 9.31 -8.12 22.65
N ALA B 15 9.41 -7.77 21.37
CA ALA B 15 9.01 -8.63 20.28
C ALA B 15 9.91 -8.36 19.07
N CYS B 16 10.03 -9.37 18.22
CA CYS B 16 10.79 -9.19 17.04
C CYS B 16 9.88 -8.80 15.90
N ILE B 17 10.44 -7.92 15.06
CA ILE B 17 9.70 -7.05 14.16
C ILE B 17 10.31 -7.19 12.76
N PRO B 18 9.47 -7.41 11.72
CA PRO B 18 9.92 -7.36 10.33
C PRO B 18 10.67 -6.06 9.96
N CYS B 19 11.87 -6.23 9.39
CA CYS B 19 12.75 -5.15 9.02
C CYS B 19 12.12 -4.22 7.98
N GLN B 20 11.24 -4.75 7.13
CA GLN B 20 10.60 -3.93 6.08
C GLN B 20 9.92 -2.70 6.70
N LEU B 21 9.47 -2.78 7.97
CA LEU B 21 8.78 -1.69 8.64
C LEU B 21 9.71 -0.53 8.98
N ARG B 22 11.04 -0.77 8.98
CA ARG B 22 12.04 0.26 9.30
C ARG B 22 12.91 0.60 8.07
N CYS B 23 12.86 -0.20 7.01
CA CYS B 23 13.83 -0.12 5.87
C CYS B 23 13.89 1.29 5.27
N SER B 24 12.76 1.96 5.05
CA SER B 24 12.77 3.26 4.38
C SER B 24 13.29 4.38 5.30
N SER B 25 13.79 4.04 6.49
CA SER B 25 14.20 5.01 7.50
C SER B 25 15.62 5.52 7.21
N ASN B 26 15.95 6.68 7.78
CA ASN B 26 17.30 7.22 7.69
C ASN B 26 18.23 6.35 8.53
N THR B 27 17.73 5.90 9.70
CA THR B 27 18.58 5.25 10.70
C THR B 27 18.04 3.86 11.08
N PRO B 28 17.88 2.93 10.10
CA PRO B 28 17.33 1.60 10.39
C PRO B 28 18.23 0.76 11.29
N PRO B 29 17.69 -0.26 12.01
CA PRO B 29 18.52 -1.16 12.81
C PRO B 29 19.58 -1.79 11.91
N LEU B 30 20.83 -1.87 12.42
CA LEU B 30 21.98 -2.49 11.72
C LEU B 30 21.62 -3.91 11.26
N THR B 31 20.96 -4.72 12.11
CA THR B 31 20.69 -6.14 11.74
C THR B 31 19.74 -6.19 10.54
N CYS B 32 19.19 -5.03 10.16
CA CYS B 32 18.55 -4.87 8.88
C CYS B 32 19.45 -4.04 7.96
N GLN B 33 20.59 -4.60 7.57
CA GLN B 33 21.29 -4.10 6.40
C GLN B 33 21.12 -5.13 5.29
N ARG B 34 21.52 -6.39 5.57
CA ARG B 34 21.51 -7.50 4.62
C ARG B 34 20.12 -7.60 3.98
N TYR B 35 19.10 -7.81 4.82
CA TYR B 35 17.71 -7.96 4.37
C TYR B 35 17.21 -6.67 3.68
N CYS B 36 17.53 -5.54 4.29
CA CYS B 36 17.01 -4.24 3.93
C CYS B 36 17.63 -3.81 2.59
N ASN B 37 18.80 -4.39 2.28
CA ASN B 37 19.52 -4.23 1.01
C ASN B 37 19.05 -5.24 -0.05
N ALA B 38 17.86 -5.84 0.14
CA ALA B 38 17.05 -6.38 -0.95
C ALA B 38 16.04 -5.30 -1.36
N SER B 39 16.47 -4.45 -2.31
CA SER B 39 15.70 -3.30 -2.80
C SER B 39 16.28 -2.79 -4.12
N GLU C 1 -3.00 -13.74 -23.93
CA GLU C 1 -1.65 -14.17 -23.47
C GLU C 1 -1.08 -13.12 -22.51
N VAL C 2 -1.24 -11.83 -22.81
CA VAL C 2 -0.86 -10.78 -21.85
C VAL C 2 -2.12 -10.30 -21.13
N GLN C 3 -2.04 -10.18 -19.80
CA GLN C 3 -3.17 -9.77 -19.02
C GLN C 3 -2.68 -8.96 -17.84
N LEU C 4 -3.54 -8.05 -17.40
CA LEU C 4 -3.37 -7.22 -16.28
C LEU C 4 -4.65 -7.35 -15.47
N VAL C 5 -4.60 -8.14 -14.39
CA VAL C 5 -5.77 -8.38 -13.57
C VAL C 5 -5.71 -7.43 -12.36
N GLU C 6 -6.68 -6.52 -12.29
CA GLU C 6 -6.72 -5.50 -11.27
C GLU C 6 -7.63 -5.93 -10.13
N SER C 7 -7.51 -5.21 -9.02
CA SER C 7 -8.20 -5.44 -7.79
C SER C 7 -7.89 -4.22 -6.91
N GLY C 8 -8.73 -3.98 -5.90
CA GLY C 8 -8.43 -3.02 -4.85
C GLY C 8 -9.49 -1.95 -4.69
N GLY C 9 -10.45 -1.85 -5.61
CA GLY C 9 -11.41 -0.73 -5.59
C GLY C 9 -12.36 -0.80 -4.41
N GLY C 10 -13.26 0.19 -4.30
CA GLY C 10 -14.38 0.11 -3.37
C GLY C 10 -14.87 1.47 -2.91
N LEU C 11 -15.73 1.45 -1.89
CA LEU C 11 -16.23 2.66 -1.25
C LEU C 11 -15.26 3.09 -0.13
N VAL C 12 -15.05 4.41 -0.06
CA VAL C 12 -14.27 5.03 0.99
C VAL C 12 -14.83 6.45 1.17
N GLN C 13 -14.68 7.00 2.38
CA GLN C 13 -15.26 8.29 2.74
C GLN C 13 -14.23 9.38 2.42
N PRO C 14 -14.66 10.64 2.19
CA PRO C 14 -13.72 11.74 1.98
C PRO C 14 -12.70 11.79 3.12
N GLY C 15 -11.41 11.73 2.77
CA GLY C 15 -10.31 11.67 3.72
C GLY C 15 -9.67 10.29 3.74
N GLY C 16 -10.37 9.29 3.20
CA GLY C 16 -9.96 7.91 3.26
C GLY C 16 -8.71 7.63 2.43
N SER C 17 -8.10 6.46 2.69
CA SER C 17 -6.98 5.92 1.90
C SER C 17 -7.44 4.64 1.20
N LEU C 18 -6.64 4.16 0.24
CA LEU C 18 -6.96 2.98 -0.54
C LEU C 18 -5.71 2.50 -1.29
N ARG C 19 -5.59 1.20 -1.55
CA ARG C 19 -4.49 0.70 -2.37
C ARG C 19 -5.03 -0.19 -3.51
N LEU C 20 -4.79 0.24 -4.76
CA LEU C 20 -5.13 -0.54 -5.96
C LEU C 20 -3.95 -1.46 -6.32
N SER C 21 -4.24 -2.53 -7.05
CA SER C 21 -3.23 -3.49 -7.41
C SER C 21 -3.51 -3.97 -8.85
N CYS C 22 -2.44 -4.14 -9.64
CA CYS C 22 -2.52 -4.56 -11.02
C CYS C 22 -1.48 -5.67 -11.23
N ALA C 23 -1.95 -6.91 -11.31
CA ALA C 23 -1.11 -8.08 -11.37
C ALA C 23 -0.86 -8.45 -12.83
N ALA C 24 0.40 -8.43 -13.24
CA ALA C 24 0.80 -8.78 -14.58
C ALA C 24 0.77 -10.29 -14.71
N SER C 25 0.24 -10.75 -15.85
CA SER C 25 0.30 -12.11 -16.30
C SER C 25 0.77 -12.09 -17.75
N GLY C 26 1.71 -12.98 -18.08
CA GLY C 26 2.19 -13.16 -19.43
C GLY C 26 3.43 -12.33 -19.72
N PHE C 27 3.88 -11.52 -18.75
CA PHE C 27 5.06 -10.67 -18.90
C PHE C 27 5.60 -10.27 -17.51
N THR C 28 6.72 -9.51 -17.46
CA THR C 28 7.31 -9.09 -16.18
C THR C 28 7.16 -7.58 -16.00
N VAL C 29 6.64 -7.17 -14.85
CA VAL C 29 6.25 -5.81 -14.61
C VAL C 29 7.47 -4.88 -14.62
N SER C 30 8.66 -5.42 -14.31
CA SER C 30 9.88 -4.60 -14.18
C SER C 30 10.41 -4.18 -15.56
N SER C 31 10.22 -5.05 -16.56
CA SER C 31 10.84 -4.94 -17.91
C SER C 31 10.08 -3.98 -18.86
N TYR C 32 9.18 -3.11 -18.34
CA TYR C 32 8.30 -2.31 -19.18
C TYR C 32 7.81 -1.06 -18.43
N GLY C 33 7.40 -0.04 -19.18
CA GLY C 33 6.79 1.14 -18.58
C GLY C 33 5.31 0.88 -18.31
N MET C 34 4.82 1.27 -17.13
CA MET C 34 3.45 1.01 -16.73
C MET C 34 2.87 2.27 -16.11
N SER C 35 1.58 2.52 -16.35
CA SER C 35 0.91 3.72 -15.86
C SER C 35 -0.51 3.35 -15.40
N TRP C 36 -1.13 4.28 -14.66
CA TRP C 36 -2.49 4.24 -14.24
C TRP C 36 -3.24 5.42 -14.86
N VAL C 37 -4.37 5.12 -15.51
CA VAL C 37 -5.30 6.10 -16.04
C VAL C 37 -6.67 5.86 -15.37
N ARG C 38 -7.43 6.94 -15.20
CA ARG C 38 -8.72 6.88 -14.59
C ARG C 38 -9.73 7.68 -15.43
N GLN C 39 -10.99 7.24 -15.42
CA GLN C 39 -12.06 7.96 -16.08
C GLN C 39 -13.23 8.09 -15.13
N ALA C 40 -13.54 9.34 -14.75
CA ALA C 40 -14.74 9.70 -14.03
C ALA C 40 -15.89 9.68 -15.02
N PRO C 41 -17.11 9.25 -14.63
CA PRO C 41 -18.22 9.23 -15.59
C PRO C 41 -18.56 10.69 -15.93
N GLY C 42 -18.71 10.98 -17.22
CA GLY C 42 -18.96 12.32 -17.70
C GLY C 42 -17.72 12.95 -18.31
N LYS C 43 -16.54 12.47 -17.92
CA LYS C 43 -15.26 13.03 -18.34
C LYS C 43 -14.50 12.04 -19.22
N GLY C 44 -13.54 12.57 -19.98
CA GLY C 44 -12.62 11.77 -20.74
C GLY C 44 -11.58 11.17 -19.81
N PRO C 45 -10.91 10.04 -20.16
CA PRO C 45 -9.86 9.47 -19.32
C PRO C 45 -8.67 10.41 -19.12
N GLU C 46 -8.16 10.45 -17.87
CA GLU C 46 -7.07 11.32 -17.46
C GLU C 46 -5.99 10.43 -16.84
N TRP C 47 -4.80 10.46 -17.46
CA TRP C 47 -3.60 9.86 -16.93
C TRP C 47 -3.25 10.53 -15.60
N VAL C 48 -2.65 9.75 -14.70
CA VAL C 48 -2.61 10.05 -13.26
C VAL C 48 -1.20 9.79 -12.71
N SER C 49 -0.60 8.67 -13.11
CA SER C 49 0.65 8.27 -12.55
C SER C 49 1.32 7.22 -13.47
N GLY C 50 2.66 7.15 -13.46
CA GLY C 50 3.34 6.23 -14.37
C GLY C 50 4.81 6.08 -14.07
N ILE C 51 5.35 4.92 -14.50
CA ILE C 51 6.74 4.53 -14.37
C ILE C 51 7.33 4.30 -15.77
N ARG C 52 8.45 4.98 -16.06
CA ARG C 52 9.22 4.83 -17.30
C ARG C 52 10.01 3.52 -17.23
N GLY C 53 10.07 2.81 -18.35
CA GLY C 53 10.55 1.43 -18.41
C GLY C 53 12.05 1.32 -18.50
N SER C 54 12.68 2.25 -19.24
CA SER C 54 14.13 2.30 -19.44
C SER C 54 14.87 2.72 -18.15
N ASP C 55 14.16 3.40 -17.23
CA ASP C 55 14.75 4.33 -16.28
C ASP C 55 14.21 4.14 -14.84
N GLY C 56 12.94 3.69 -14.70
CA GLY C 56 12.29 3.57 -13.41
C GLY C 56 11.86 4.91 -12.84
N SER C 57 12.08 6.01 -13.59
CA SER C 57 11.56 7.31 -13.17
C SER C 57 10.03 7.25 -13.00
N THR C 58 9.51 7.93 -11.98
CA THR C 58 8.09 7.95 -11.72
C THR C 58 7.54 9.36 -11.96
N TYR C 59 6.27 9.45 -12.41
CA TYR C 59 5.60 10.72 -12.70
C TYR C 59 4.16 10.70 -12.16
N TYR C 60 3.57 11.89 -12.04
CA TYR C 60 2.31 12.13 -11.39
C TYR C 60 1.64 13.36 -12.01
N ALA C 61 0.31 13.29 -12.21
CA ALA C 61 -0.47 14.48 -12.56
C ALA C 61 -0.58 15.44 -11.36
N ASP C 62 -0.77 16.73 -11.67
CA ASP C 62 -0.85 17.81 -10.67
C ASP C 62 -2.00 17.58 -9.68
N SER C 63 -3.12 17.04 -10.21
CA SER C 63 -4.38 16.80 -9.49
C SER C 63 -4.21 15.68 -8.47
N VAL C 64 -3.01 15.10 -8.38
CA VAL C 64 -2.79 13.87 -7.64
C VAL C 64 -1.43 13.87 -6.91
N LYS C 65 -0.54 14.82 -7.23
CA LYS C 65 0.80 14.95 -6.60
C LYS C 65 0.65 15.07 -5.07
N GLY C 66 1.48 14.32 -4.34
CA GLY C 66 1.56 14.40 -2.88
C GLY C 66 0.64 13.43 -2.16
N ARG C 67 -0.37 12.92 -2.89
CA ARG C 67 -1.40 12.02 -2.36
C ARG C 67 -1.17 10.58 -2.86
N PHE C 68 -0.80 10.42 -4.13
CA PHE C 68 -0.69 9.08 -4.74
C PHE C 68 0.77 8.65 -4.91
N THR C 69 0.98 7.33 -4.94
CA THR C 69 2.30 6.72 -5.08
C THR C 69 2.18 5.43 -5.88
N ILE C 70 2.67 5.45 -7.12
CA ILE C 70 2.83 4.27 -7.92
C ILE C 70 4.08 3.54 -7.40
N SER C 71 4.10 2.23 -7.61
CA SER C 71 5.19 1.41 -7.19
C SER C 71 5.05 0.06 -7.88
N ARG C 72 6.05 -0.80 -7.71
CA ARG C 72 6.01 -2.14 -8.22
C ARG C 72 6.81 -3.03 -7.27
N ASP C 73 6.39 -4.30 -7.19
CA ASP C 73 7.02 -5.35 -6.43
C ASP C 73 7.39 -6.44 -7.42
N ASN C 74 8.67 -6.52 -7.77
CA ASN C 74 9.14 -7.46 -8.79
C ASN C 74 8.74 -8.89 -8.43
N SER C 75 8.88 -9.25 -7.15
CA SER C 75 8.67 -10.63 -6.66
C SER C 75 7.22 -11.07 -6.92
N LYS C 76 6.26 -10.19 -6.61
CA LYS C 76 4.83 -10.43 -6.80
C LYS C 76 4.41 -10.08 -8.23
N ASN C 77 5.25 -9.35 -8.96
CA ASN C 77 5.00 -9.06 -10.38
C ASN C 77 3.69 -8.27 -10.51
N THR C 78 3.47 -7.32 -9.58
CA THR C 78 2.28 -6.49 -9.59
C THR C 78 2.66 -5.03 -9.37
N LEU C 79 1.77 -4.14 -9.87
CA LEU C 79 1.88 -2.70 -9.81
C LEU C 79 0.78 -2.21 -8.87
N TYR C 80 1.11 -1.25 -8.00
CA TYR C 80 0.17 -0.72 -7.05
C TYR C 80 0.00 0.77 -7.27
N LEU C 81 -1.16 1.29 -6.85
CA LEU C 81 -1.38 2.71 -6.69
C LEU C 81 -1.87 2.98 -5.26
N GLN C 82 -0.95 3.42 -4.41
CA GLN C 82 -1.28 3.93 -3.10
C GLN C 82 -2.02 5.25 -3.26
N MET C 83 -3.23 5.40 -2.72
CA MET C 83 -3.97 6.65 -2.89
C MET C 83 -4.55 7.14 -1.56
N ASN C 84 -3.93 8.19 -1.02
CA ASN C 84 -4.19 8.78 0.31
C ASN C 84 -5.08 10.02 0.18
N SER C 85 -5.69 10.40 1.32
CA SER C 85 -6.40 11.66 1.46
C SER C 85 -7.28 11.88 0.23
N LEU C 86 -8.20 10.94 -0.02
CA LEU C 86 -9.01 10.94 -1.23
C LEU C 86 -10.04 12.09 -1.17
N ARG C 87 -10.65 12.37 -2.33
CA ARG C 87 -11.70 13.38 -2.46
C ARG C 87 -12.71 12.93 -3.53
N ALA C 88 -13.89 13.55 -3.50
CA ALA C 88 -14.96 13.33 -4.46
C ALA C 88 -14.45 13.32 -5.92
N GLU C 89 -13.50 14.21 -6.25
CA GLU C 89 -12.94 14.29 -7.62
C GLU C 89 -12.20 13.01 -8.01
N ASP C 90 -11.70 12.26 -7.03
CA ASP C 90 -10.87 11.07 -7.29
C ASP C 90 -11.73 9.84 -7.62
N THR C 91 -13.06 9.99 -7.58
CA THR C 91 -14.02 8.96 -7.97
C THR C 91 -13.88 8.67 -9.47
N ALA C 92 -13.53 7.43 -9.83
CA ALA C 92 -13.38 6.99 -11.22
C ALA C 92 -13.15 5.48 -11.29
N VAL C 93 -13.26 4.93 -12.50
CA VAL C 93 -12.73 3.61 -12.81
C VAL C 93 -11.24 3.80 -13.11
N TYR C 94 -10.39 3.07 -12.38
CA TYR C 94 -8.94 3.17 -12.53
C TYR C 94 -8.41 2.00 -13.37
N TYR C 95 -7.65 2.34 -14.41
CA TYR C 95 -7.06 1.39 -15.32
C TYR C 95 -5.54 1.36 -15.15
N CYS C 96 -4.94 0.18 -15.23
CA CYS C 96 -3.50 0.08 -15.36
C CYS C 96 -3.18 -0.33 -16.80
N ALA C 97 -2.03 0.10 -17.32
CA ALA C 97 -1.60 -0.26 -18.69
C ALA C 97 -0.08 -0.37 -18.79
N LYS C 98 0.37 -0.97 -19.89
CA LYS C 98 1.75 -1.30 -20.08
C LYS C 98 2.16 -0.95 -21.51
N GLN C 99 3.41 -0.47 -21.64
CA GLN C 99 3.96 0.03 -22.88
C GLN C 99 4.66 -1.13 -23.59
N GLY C 100 4.92 -0.98 -24.90
CA GLY C 100 5.82 -1.86 -25.64
C GLY C 100 7.24 -1.71 -25.14
N GLU C 101 8.16 -2.54 -25.63
CA GLU C 101 9.56 -2.48 -25.18
C GLU C 101 10.15 -1.13 -25.63
N ASN C 102 11.13 -0.66 -24.85
CA ASN C 102 11.89 0.58 -25.06
C ASN C 102 10.91 1.75 -25.18
N ASP C 103 10.25 2.00 -24.05
CA ASP C 103 9.37 3.12 -23.86
C ASP C 103 8.41 3.25 -25.05
N GLY C 104 7.84 2.11 -25.47
CA GLY C 104 7.01 2.03 -26.66
C GLY C 104 5.57 2.49 -26.44
N PRO C 105 4.71 2.34 -27.46
CA PRO C 105 3.30 2.68 -27.32
C PRO C 105 2.66 1.74 -26.29
N PHE C 106 1.61 2.20 -25.61
CA PHE C 106 0.82 1.34 -24.73
C PHE C 106 0.19 0.24 -25.59
N ASP C 107 0.31 -1.03 -25.17
CA ASP C 107 -0.18 -2.15 -25.97
C ASP C 107 -1.23 -3.01 -25.22
N HIS C 108 -1.37 -2.86 -23.89
CA HIS C 108 -2.41 -3.59 -23.11
C HIS C 108 -2.87 -2.75 -21.91
N ARG C 109 -4.13 -2.93 -21.53
CA ARG C 109 -4.66 -2.32 -20.31
C ARG C 109 -5.45 -3.38 -19.52
N GLY C 110 -5.70 -3.08 -18.23
CA GLY C 110 -6.51 -3.92 -17.39
C GLY C 110 -8.00 -3.67 -17.58
N GLN C 111 -8.82 -4.48 -16.91
CA GLN C 111 -10.26 -4.51 -17.09
C GLN C 111 -10.90 -3.32 -16.35
N GLY C 112 -10.18 -2.73 -15.40
CA GLY C 112 -10.67 -1.58 -14.62
C GLY C 112 -11.11 -2.01 -13.23
N THR C 113 -11.12 -1.06 -12.28
CA THR C 113 -11.66 -1.25 -10.93
C THR C 113 -12.19 0.07 -10.39
N LEU C 114 -13.38 0.04 -9.77
CA LEU C 114 -14.11 1.26 -9.41
C LEU C 114 -13.69 1.73 -8.03
N VAL C 115 -13.41 3.04 -7.95
CA VAL C 115 -13.17 3.77 -6.72
C VAL C 115 -14.26 4.83 -6.56
N THR C 116 -15.05 4.71 -5.48
CA THR C 116 -16.12 5.65 -5.16
C THR C 116 -15.81 6.35 -3.83
N VAL C 117 -15.82 7.69 -3.85
CA VAL C 117 -15.48 8.54 -2.69
C VAL C 117 -16.67 9.44 -2.37
N SER C 118 -17.33 9.13 -1.24
CA SER C 118 -18.40 9.94 -0.66
C SER C 118 -18.71 9.41 0.75
N GLY D 1 -8.11 14.42 -29.73
CA GLY D 1 -8.38 15.67 -28.97
C GLY D 1 -7.09 16.45 -28.74
N GLN D 2 -7.23 17.78 -28.53
CA GLN D 2 -6.10 18.70 -28.33
C GLN D 2 -5.41 18.40 -26.97
N CYS D 3 -4.20 17.86 -27.07
CA CYS D 3 -3.32 17.56 -25.96
C CYS D 3 -2.36 18.74 -25.76
N SER D 4 -1.84 18.93 -24.54
CA SER D 4 -0.83 19.97 -24.26
C SER D 4 0.52 19.59 -24.89
N GLN D 5 1.34 20.61 -25.19
CA GLN D 5 2.52 20.55 -26.10
C GLN D 5 3.58 19.54 -25.61
N ASN D 6 3.53 19.18 -24.32
CA ASN D 6 4.46 18.25 -23.67
C ASN D 6 3.81 16.86 -23.51
N GLU D 7 2.66 16.66 -24.14
CA GLU D 7 1.96 15.39 -24.09
C GLU D 7 1.50 14.99 -25.49
N TYR D 8 1.25 13.69 -25.65
CA TYR D 8 0.70 13.12 -26.87
C TYR D 8 -0.53 12.28 -26.51
N PHE D 9 -1.36 12.01 -27.53
CA PHE D 9 -2.63 11.29 -27.38
C PHE D 9 -2.43 9.82 -27.71
N ASP D 10 -2.82 8.95 -26.77
CA ASP D 10 -2.72 7.53 -26.94
C ASP D 10 -4.11 6.94 -27.22
N SER D 11 -4.21 6.20 -28.33
CA SER D 11 -5.46 5.68 -28.81
C SER D 11 -6.04 4.60 -27.88
N LEU D 12 -5.18 3.73 -27.33
CA LEU D 12 -5.63 2.58 -26.54
C LEU D 12 -6.34 3.11 -25.30
N LEU D 13 -5.71 4.10 -24.66
CA LEU D 13 -6.19 4.68 -23.40
C LEU D 13 -7.10 5.89 -23.63
N HIS D 14 -7.21 6.36 -24.88
CA HIS D 14 -7.93 7.58 -25.21
C HIS D 14 -7.55 8.66 -24.20
N ALA D 15 -6.25 8.85 -23.98
CA ALA D 15 -5.85 9.82 -23.00
C ALA D 15 -4.53 10.47 -23.38
N CYS D 16 -4.38 11.64 -22.80
CA CYS D 16 -3.28 12.49 -22.98
C CYS D 16 -2.14 12.00 -22.08
N ILE D 17 -1.00 11.64 -22.69
CA ILE D 17 0.14 10.99 -22.03
C ILE D 17 1.32 11.95 -22.00
N PRO D 18 2.01 12.13 -20.84
CA PRO D 18 3.31 12.81 -20.80
C PRO D 18 4.43 12.16 -21.63
N CYS D 19 5.16 13.02 -22.35
CA CYS D 19 6.10 12.60 -23.36
C CYS D 19 7.32 11.92 -22.77
N GLN D 20 7.68 12.31 -21.55
CA GLN D 20 8.74 11.63 -20.79
C GLN D 20 8.67 10.12 -21.00
N LEU D 21 7.46 9.55 -21.06
CA LEU D 21 7.29 8.08 -21.02
C LEU D 21 7.69 7.41 -22.34
N ARG D 22 7.76 8.20 -23.42
CA ARG D 22 8.14 7.71 -24.76
C ARG D 22 9.59 8.08 -25.11
N CYS D 23 10.18 9.00 -24.33
CA CYS D 23 11.32 9.83 -24.75
C CYS D 23 12.59 9.01 -25.05
N SER D 24 12.88 7.97 -24.27
CA SER D 24 14.10 7.20 -24.49
C SER D 24 13.95 6.23 -25.69
N SER D 25 12.80 6.28 -26.37
CA SER D 25 12.45 5.38 -27.48
C SER D 25 13.20 5.76 -28.77
N ASN D 26 13.22 4.81 -29.72
CA ASN D 26 13.86 4.97 -31.04
C ASN D 26 12.94 5.77 -31.98
N THR D 27 11.62 5.70 -31.74
CA THR D 27 10.62 6.31 -32.60
C THR D 27 9.54 6.97 -31.73
N PRO D 28 9.87 8.02 -30.94
CA PRO D 28 8.89 8.68 -30.09
C PRO D 28 7.88 9.46 -30.93
N PRO D 29 6.74 9.89 -30.37
CA PRO D 29 5.78 10.70 -31.14
C PRO D 29 6.38 12.02 -31.61
N LEU D 30 6.22 12.33 -32.90
CA LEU D 30 6.70 13.57 -33.51
C LEU D 30 6.38 14.77 -32.63
N THR D 31 5.13 14.89 -32.14
CA THR D 31 4.70 16.08 -31.35
C THR D 31 5.57 16.24 -30.09
N CYS D 32 6.51 15.31 -29.89
CA CYS D 32 7.34 15.36 -28.73
C CYS D 32 8.78 14.91 -29.00
N GLN D 33 9.39 15.51 -30.02
CA GLN D 33 10.83 15.43 -30.13
C GLN D 33 11.39 16.76 -29.62
N ARG D 34 10.65 17.85 -29.85
CA ARG D 34 11.02 19.17 -29.33
C ARG D 34 11.09 19.08 -27.79
N TYR D 35 9.95 18.82 -27.14
CA TYR D 35 9.92 18.71 -25.68
C TYR D 35 10.96 17.69 -25.21
N CYS D 36 11.09 16.60 -25.97
CA CYS D 36 11.93 15.48 -25.65
C CYS D 36 13.41 15.88 -25.78
#